data_3KMG
#
_entry.id   3KMG
#
_cell.length_a   83.335
_cell.length_b   84.158
_cell.length_c   96.425
_cell.angle_alpha   90.000
_cell.angle_beta   90.000
_cell.angle_gamma   90.000
#
_symmetry.space_group_name_H-M   'P 21 21 21'
#
loop_
_entity.id
_entity.type
_entity.pdbx_description
1 polymer 'Peroxisome proliferator-activated receptor gamma'
2 polymer 'Steroid Receptor Coactivator-1'
3 non-polymer "4'-[(2,3-dimethyl-5-{[(1S)-1-phenylpropyl]carbamoyl}-1H-indol-1-yl)methyl]biphenyl-2-carboxylic acid"
4 water water
#
loop_
_entity_poly.entity_id
_entity_poly.type
_entity_poly.pdbx_seq_one_letter_code
_entity_poly.pdbx_strand_id
1 'polypeptide(L)'
;PESADLRALAKHLYDSYIKSFPLTKAKARAILTGKTTDKSPFVIYDMNSLMMGEDKIKFKHITPLQEQSKEVAIRIFQGC
QFRSVEAVQEITEYAKSIPGFVNLDLNDQVTLLKYGVHEIIYTMLASLMNKDGVLISEGQGFMTREFLKSLRKPFGDFME
PKFEFAVKFNALELDDSDLAIFIAVIILSGDRPGLLNVKPIEDIQDNLLQALELQLKLNHPESSQLFAKLLQKMTDLRQI
VTEHVQLLQVIKKTETDMSLHPLLQEIYKDLY
;
A,D
2 'polypeptide(L)' (ACE)CPSSHSSLTERHKILHRLLQEGSPS(NH2) B,E
#
# COMPACT_ATOMS: atom_id res chain seq x y z
N ALA A 4 -23.60 -14.27 4.84
CA ALA A 4 -23.28 -14.86 3.50
C ALA A 4 -22.85 -16.33 3.61
N ASP A 5 -23.13 -17.10 2.56
CA ASP A 5 -22.47 -18.38 2.35
C ASP A 5 -21.19 -18.03 1.57
N LEU A 6 -20.04 -18.12 2.23
CA LEU A 6 -18.79 -17.62 1.66
C LEU A 6 -18.30 -18.45 0.47
N ARG A 7 -18.59 -19.75 0.47
CA ARG A 7 -18.25 -20.60 -0.66
C ARG A 7 -19.19 -20.35 -1.84
N ALA A 8 -20.46 -20.10 -1.55
CA ALA A 8 -21.43 -19.75 -2.60
C ALA A 8 -21.11 -18.39 -3.22
N LEU A 9 -20.71 -17.44 -2.39
CA LEU A 9 -20.30 -16.13 -2.86
C LEU A 9 -19.11 -16.26 -3.82
N ALA A 10 -18.09 -17.01 -3.40
CA ALA A 10 -16.87 -17.20 -4.19
C ALA A 10 -17.21 -17.80 -5.55
N LYS A 11 -18.10 -18.78 -5.57
CA LYS A 11 -18.56 -19.42 -6.80
C LYS A 11 -19.32 -18.45 -7.68
N HIS A 12 -20.28 -17.74 -7.08
CA HIS A 12 -21.03 -16.72 -7.83
C HIS A 12 -20.09 -15.72 -8.53
N LEU A 13 -19.11 -15.19 -7.78
CA LEU A 13 -18.13 -14.24 -8.34
C LEU A 13 -17.31 -14.85 -9.48
N TYR A 14 -16.80 -16.06 -9.29
CA TYR A 14 -16.09 -16.78 -10.36
C TYR A 14 -16.93 -16.91 -11.64
N ASP A 15 -18.18 -17.34 -11.49
CA ASP A 15 -19.06 -17.54 -12.65
C ASP A 15 -19.28 -16.22 -13.38
N SER A 16 -19.44 -15.15 -12.61
CA SER A 16 -19.63 -13.81 -13.17
CA SER A 16 -19.64 -13.82 -13.20
C SER A 16 -18.37 -13.29 -13.87
N TYR A 17 -17.21 -13.59 -13.27
CA TYR A 17 -15.92 -13.19 -13.82
C TYR A 17 -15.72 -13.86 -15.18
N ILE A 18 -16.01 -15.15 -15.23
CA ILE A 18 -15.95 -15.92 -16.47
C ILE A 18 -16.89 -15.32 -17.54
N LYS A 19 -18.09 -14.90 -17.15
CA LYS A 19 -19.02 -14.28 -18.11
C LYS A 19 -18.54 -12.91 -18.56
N SER A 20 -17.85 -12.18 -17.68
CA SER A 20 -17.47 -10.79 -18.01
C SER A 20 -16.15 -10.63 -18.76
N PHE A 21 -15.21 -11.54 -18.52
CA PHE A 21 -13.83 -11.34 -19.00
C PHE A 21 -13.48 -12.48 -19.98
N PRO A 22 -13.43 -12.18 -21.30
CA PRO A 22 -13.25 -13.29 -22.24
C PRO A 22 -11.86 -13.94 -22.23
N LEU A 23 -10.81 -13.23 -21.81
CA LEU A 23 -9.47 -13.84 -21.73
C LEU A 23 -9.08 -13.99 -20.26
N THR A 24 -9.20 -15.22 -19.76
CA THR A 24 -8.91 -15.55 -18.37
C THR A 24 -7.44 -15.84 -18.19
N LYS A 25 -7.02 -15.89 -16.93
CA LYS A 25 -5.65 -16.24 -16.63
C LYS A 25 -5.40 -17.70 -17.03
N ALA A 26 -6.40 -18.56 -16.86
CA ALA A 26 -6.26 -19.96 -17.23
C ALA A 26 -5.92 -20.05 -18.73
N LYS A 27 -6.73 -19.40 -19.57
CA LYS A 27 -6.47 -19.45 -21.02
C LYS A 27 -5.14 -18.78 -21.35
N ALA A 28 -4.89 -17.61 -20.76
CA ALA A 28 -3.64 -16.90 -20.99
C ALA A 28 -2.39 -17.74 -20.64
N ARG A 29 -2.41 -18.42 -19.49
CA ARG A 29 -1.30 -19.29 -19.07
C ARG A 29 -1.10 -20.45 -20.03
N ALA A 30 -2.21 -21.05 -20.47
CA ALA A 30 -2.13 -22.13 -21.46
C ALA A 30 -1.35 -21.61 -22.67
N ILE A 31 -1.73 -20.44 -23.17
CA ILE A 31 -1.07 -19.85 -24.33
C ILE A 31 0.39 -19.54 -24.04
N LEU A 32 0.67 -18.89 -22.90
CA LEU A 32 2.02 -18.43 -22.60
C LEU A 32 3.03 -19.56 -22.34
N THR A 33 2.56 -20.70 -21.84
CA THR A 33 3.43 -21.86 -21.58
C THR A 33 3.43 -22.83 -22.75
N GLY A 34 2.69 -22.50 -23.80
CA GLY A 34 2.61 -23.34 -24.99
C GLY A 34 1.79 -24.60 -24.79
N LYS A 35 0.96 -24.62 -23.75
CA LYS A 35 0.21 -25.83 -23.36
C LYS A 35 -1.20 -25.87 -23.99
N THR A 36 -1.26 -25.62 -25.29
CA THR A 36 -2.47 -25.82 -26.10
C THR A 36 -1.99 -26.52 -27.39
N THR A 37 -2.79 -26.64 -28.46
CA THR A 37 -3.99 -25.87 -28.71
C THR A 37 -3.57 -24.65 -29.54
N ASP A 38 -2.64 -24.87 -30.47
CA ASP A 38 -1.90 -23.76 -31.10
C ASP A 38 -2.68 -23.04 -32.20
N LYS A 39 -1.98 -22.48 -33.19
CA LYS A 39 -0.52 -22.42 -33.19
C LYS A 39 -0.03 -21.33 -32.23
N SER A 40 1.29 -21.16 -32.14
CA SER A 40 1.88 -20.15 -31.27
C SER A 40 1.36 -18.76 -31.62
N PRO A 41 1.26 -17.87 -30.64
CA PRO A 41 0.97 -16.49 -31.02
C PRO A 41 2.06 -15.89 -31.91
N PHE A 42 1.66 -15.01 -32.83
CA PHE A 42 2.63 -14.24 -33.60
C PHE A 42 3.45 -13.34 -32.67
N VAL A 43 4.77 -13.44 -32.72
CA VAL A 43 5.64 -12.67 -31.82
C VAL A 43 6.01 -11.31 -32.44
N ILE A 44 5.80 -10.24 -31.67
CA ILE A 44 6.07 -8.87 -32.12
C ILE A 44 7.22 -8.32 -31.29
N TYR A 45 8.33 -8.05 -31.96
CA TYR A 45 9.58 -7.64 -31.31
C TYR A 45 10.25 -6.44 -32.00
N ASP A 46 9.72 -5.99 -33.14
CA ASP A 46 10.27 -4.85 -33.87
C ASP A 46 9.19 -4.23 -34.74
N MET A 47 9.54 -3.17 -35.48
CA MET A 47 8.56 -2.50 -36.31
CA MET A 47 8.61 -2.47 -36.35
C MET A 47 8.09 -3.42 -37.43
N ASN A 48 9.01 -4.13 -38.07
CA ASN A 48 8.63 -5.01 -39.18
C ASN A 48 7.67 -6.11 -38.75
N SER A 49 7.95 -6.74 -37.61
CA SER A 49 7.07 -7.79 -37.08
C SER A 49 5.72 -7.21 -36.57
N LEU A 50 5.73 -5.98 -36.04
CA LEU A 50 4.48 -5.30 -35.72
C LEU A 50 3.65 -5.11 -36.99
N MET A 51 4.28 -4.65 -38.05
CA MET A 51 3.61 -4.42 -39.32
C MET A 51 3.12 -5.73 -39.91
N MET A 52 3.97 -6.76 -39.88
CA MET A 52 3.59 -8.10 -40.35
C MET A 52 2.45 -8.65 -39.51
N GLY A 53 2.51 -8.44 -38.21
CA GLY A 53 1.47 -8.86 -37.28
C GLY A 53 0.11 -8.27 -37.62
N GLU A 54 0.09 -7.01 -38.05
CA GLU A 54 -1.15 -6.37 -38.49
C GLU A 54 -1.73 -7.07 -39.72
N ASP A 55 -0.86 -7.53 -40.62
CA ASP A 55 -1.28 -8.36 -41.78
C ASP A 55 -1.58 -9.80 -41.39
N LYS A 56 -0.75 -10.36 -40.54
CA LYS A 56 -0.67 -11.81 -40.35
C LYS A 56 -0.80 -12.19 -38.88
N ILE A 57 -1.92 -11.84 -38.21
CA ILE A 57 -3.07 -11.17 -38.81
C ILE A 57 -4.04 -10.69 -37.74
N LYS A 58 -5.05 -9.92 -38.17
CA LYS A 58 -6.12 -9.47 -37.28
C LYS A 58 -7.41 -10.24 -37.60
N GLU A 67 -8.12 7.75 -35.79
CA GLU A 67 -6.85 8.07 -36.46
C GLU A 67 -5.75 7.16 -35.94
N GLN A 68 -4.99 6.55 -36.84
CA GLN A 68 -3.95 5.59 -36.43
C GLN A 68 -2.55 6.04 -36.87
N SER A 69 -1.65 6.19 -35.90
CA SER A 69 -0.34 6.73 -36.16
C SER A 69 0.48 5.72 -36.94
N LYS A 70 1.22 6.19 -37.93
CA LYS A 70 2.24 5.37 -38.56
C LYS A 70 3.51 5.34 -37.73
N GLU A 71 3.50 5.98 -36.56
CA GLU A 71 4.60 5.91 -35.62
C GLU A 71 4.35 4.82 -34.60
N VAL A 72 5.34 3.96 -34.38
CA VAL A 72 5.18 2.75 -33.57
C VAL A 72 4.73 3.05 -32.13
N ALA A 73 5.37 4.03 -31.50
CA ALA A 73 5.11 4.29 -30.10
C ALA A 73 3.66 4.71 -29.89
N ILE A 74 3.16 5.59 -30.75
CA ILE A 74 1.80 6.08 -30.66
C ILE A 74 0.77 4.99 -31.05
N ARG A 75 1.13 4.19 -32.06
CA ARG A 75 0.28 3.09 -32.50
CA ARG A 75 0.25 3.11 -32.49
C ARG A 75 0.01 2.15 -31.32
N ILE A 76 1.08 1.84 -30.58
CA ILE A 76 1.00 0.94 -29.45
C ILE A 76 0.19 1.56 -28.31
N PHE A 77 0.44 2.84 -28.03
CA PHE A 77 -0.28 3.61 -27.01
C PHE A 77 -1.78 3.66 -27.31
N GLN A 78 -2.12 3.89 -28.58
CA GLN A 78 -3.50 3.82 -29.07
C GLN A 78 -4.13 2.44 -28.88
N GLY A 79 -3.39 1.37 -29.19
CA GLY A 79 -3.89 -0.01 -28.94
C GLY A 79 -4.22 -0.25 -27.46
N CYS A 80 -3.33 0.19 -26.58
CA CYS A 80 -3.56 0.12 -25.14
C CYS A 80 -4.81 0.92 -24.71
N GLN A 81 -5.03 2.08 -25.32
CA GLN A 81 -6.26 2.86 -25.05
C GLN A 81 -7.51 2.07 -25.43
N PHE A 82 -7.55 1.55 -26.65
CA PHE A 82 -8.70 0.77 -27.12
C PHE A 82 -9.01 -0.39 -26.19
N ARG A 83 -7.98 -1.14 -25.80
CA ARG A 83 -8.15 -2.28 -24.90
C ARG A 83 -8.59 -1.83 -23.51
N SER A 84 -8.11 -0.68 -23.07
CA SER A 84 -8.54 -0.14 -21.78
C SER A 84 -10.03 0.23 -21.79
N VAL A 85 -10.48 0.82 -22.90
CA VAL A 85 -11.90 1.15 -23.05
C VAL A 85 -12.78 -0.11 -22.94
N GLU A 86 -12.34 -1.20 -23.59
CA GLU A 86 -13.01 -2.49 -23.46
C GLU A 86 -12.96 -3.00 -22.02
N ALA A 87 -11.81 -2.89 -21.37
CA ALA A 87 -11.66 -3.38 -20.00
C ALA A 87 -12.61 -2.68 -19.02
N VAL A 88 -12.78 -1.37 -19.20
CA VAL A 88 -13.67 -0.58 -18.34
C VAL A 88 -15.11 -1.09 -18.43
N GLN A 89 -15.54 -1.45 -19.65
CA GLN A 89 -16.87 -2.02 -19.85
C GLN A 89 -17.04 -3.38 -19.20
N GLU A 90 -16.04 -4.26 -19.36
CA GLU A 90 -16.08 -5.59 -18.75
C GLU A 90 -16.12 -5.50 -17.22
N ILE A 91 -15.25 -4.65 -16.66
CA ILE A 91 -15.17 -4.40 -15.25
C ILE A 91 -16.51 -3.87 -14.70
N THR A 92 -17.13 -2.95 -15.44
CA THR A 92 -18.43 -2.38 -15.05
C THR A 92 -19.52 -3.46 -15.01
N GLU A 93 -19.56 -4.31 -16.03
CA GLU A 93 -20.48 -5.47 -16.03
C GLU A 93 -20.21 -6.33 -14.80
N TYR A 94 -18.93 -6.62 -14.54
CA TYR A 94 -18.57 -7.43 -13.39
C TYR A 94 -18.99 -6.80 -12.08
N ALA A 95 -18.72 -5.50 -11.93
CA ALA A 95 -19.09 -4.78 -10.71
C ALA A 95 -20.60 -4.96 -10.40
N LYS A 96 -21.43 -4.86 -11.45
CA LYS A 96 -22.88 -4.96 -11.28
C LYS A 96 -23.32 -6.31 -10.69
N SER A 97 -22.51 -7.34 -10.89
CA SER A 97 -22.83 -8.67 -10.40
C SER A 97 -22.40 -8.88 -8.95
N ILE A 98 -21.67 -7.93 -8.37
CA ILE A 98 -21.28 -8.07 -6.98
C ILE A 98 -22.51 -7.79 -6.13
N PRO A 99 -22.89 -8.74 -5.25
CA PRO A 99 -24.08 -8.53 -4.41
C PRO A 99 -24.05 -7.21 -3.65
N GLY A 100 -25.11 -6.43 -3.79
CA GLY A 100 -25.24 -5.14 -3.12
C GLY A 100 -24.74 -3.93 -3.89
N PHE A 101 -23.90 -4.16 -4.90
CA PHE A 101 -23.27 -3.04 -5.61
C PHE A 101 -24.29 -2.13 -6.28
N VAL A 102 -25.24 -2.71 -7.02
CA VAL A 102 -26.22 -1.90 -7.76
C VAL A 102 -27.23 -1.20 -6.84
N ASN A 103 -27.28 -1.61 -5.58
CA ASN A 103 -28.12 -0.92 -4.58
C ASN A 103 -27.42 0.28 -3.94
N LEU A 104 -26.12 0.45 -4.17
CA LEU A 104 -25.41 1.63 -3.67
C LEU A 104 -25.85 2.88 -4.39
N ASP A 105 -25.67 4.03 -3.74
CA ASP A 105 -25.88 5.33 -4.38
C ASP A 105 -25.14 5.35 -5.72
N LEU A 106 -25.81 5.84 -6.76
CA LEU A 106 -25.25 5.80 -8.11
C LEU A 106 -23.98 6.63 -8.26
N ASN A 107 -23.91 7.77 -7.56
CA ASN A 107 -22.70 8.58 -7.51
C ASN A 107 -21.50 7.83 -6.93
N ASP A 108 -21.79 6.97 -5.95
CA ASP A 108 -20.76 6.15 -5.34
C ASP A 108 -20.33 5.02 -6.28
N GLN A 109 -21.29 4.39 -6.96
CA GLN A 109 -20.97 3.38 -7.96
C GLN A 109 -19.98 3.91 -9.01
N VAL A 110 -20.24 5.13 -9.50
CA VAL A 110 -19.37 5.81 -10.46
C VAL A 110 -17.99 6.10 -9.84
N THR A 111 -17.99 6.56 -8.59
CA THR A 111 -16.73 6.83 -7.87
C THR A 111 -15.89 5.58 -7.72
N LEU A 112 -16.52 4.50 -7.25
CA LEU A 112 -15.83 3.21 -7.14
C LEU A 112 -15.20 2.74 -8.47
N LEU A 113 -15.90 2.92 -9.58
CA LEU A 113 -15.34 2.50 -10.87
C LEU A 113 -14.21 3.43 -11.29
N LYS A 114 -14.46 4.73 -11.17
CA LYS A 114 -13.48 5.74 -11.56
C LYS A 114 -12.11 5.45 -10.91
N TYR A 115 -12.11 5.17 -9.61
CA TYR A 115 -10.85 5.02 -8.87
C TYR A 115 -10.37 3.58 -8.82
N GLY A 116 -11.24 2.64 -9.19
CA GLY A 116 -10.93 1.23 -9.13
C GLY A 116 -10.36 0.64 -10.42
N VAL A 117 -10.68 1.24 -11.57
CA VAL A 117 -10.34 0.58 -12.85
C VAL A 117 -8.84 0.42 -13.11
N HIS A 118 -8.02 1.38 -12.72
CA HIS A 118 -6.58 1.26 -12.94
C HIS A 118 -6.01 0.09 -12.15
N GLU A 119 -6.38 0.01 -10.87
CA GLU A 119 -5.93 -1.08 -9.99
C GLU A 119 -6.33 -2.44 -10.56
N ILE A 120 -7.56 -2.50 -11.05
CA ILE A 120 -8.08 -3.74 -11.58
C ILE A 120 -7.40 -4.10 -12.92
N ILE A 121 -7.29 -3.11 -13.81
CA ILE A 121 -6.67 -3.33 -15.11
CA ILE A 121 -6.68 -3.40 -15.14
C ILE A 121 -5.25 -3.90 -14.98
N TYR A 122 -4.47 -3.29 -14.09
CA TYR A 122 -3.07 -3.70 -13.89
C TYR A 122 -2.93 -5.03 -13.13
N THR A 123 -3.88 -5.32 -12.26
CA THR A 123 -3.95 -6.63 -11.62
C THR A 123 -4.17 -7.73 -12.70
N MET A 124 -5.15 -7.51 -13.55
CA MET A 124 -5.54 -8.50 -14.56
C MET A 124 -4.57 -8.55 -15.75
N LEU A 125 -3.91 -7.44 -16.06
CA LEU A 125 -2.86 -7.39 -17.07
C LEU A 125 -1.72 -8.38 -16.78
N ALA A 126 -1.41 -8.56 -15.49
CA ALA A 126 -0.39 -9.52 -15.07
C ALA A 126 -0.69 -10.93 -15.58
N SER A 127 -1.97 -11.27 -15.65
CA SER A 127 -2.40 -12.58 -16.18
C SER A 127 -1.94 -12.81 -17.60
N LEU A 128 -1.78 -11.73 -18.35
CA LEU A 128 -1.37 -11.80 -19.75
C LEU A 128 0.15 -11.69 -19.94
N MET A 129 0.90 -11.55 -18.85
CA MET A 129 2.33 -11.28 -18.89
C MET A 129 3.18 -12.42 -18.33
N ASN A 130 4.31 -12.68 -18.98
CA ASN A 130 5.44 -13.35 -18.31
C ASN A 130 6.59 -12.33 -18.29
N LYS A 131 7.76 -12.74 -17.81
CA LYS A 131 8.89 -11.84 -17.66
C LYS A 131 9.41 -11.27 -18.98
N ASP A 132 9.03 -11.89 -20.10
CA ASP A 132 9.58 -11.54 -21.41
C ASP A 132 8.62 -10.80 -22.34
N GLY A 133 7.33 -10.80 -22.01
CA GLY A 133 6.38 -10.10 -22.87
C GLY A 133 4.94 -10.24 -22.44
N VAL A 134 4.04 -9.76 -23.29
CA VAL A 134 2.63 -9.69 -22.96
C VAL A 134 1.78 -10.16 -24.14
N LEU A 135 0.74 -10.93 -23.84
CA LEU A 135 -0.18 -11.39 -24.87
C LEU A 135 -0.95 -10.19 -25.38
N ILE A 136 -1.14 -10.09 -26.68
CA ILE A 136 -1.93 -9.02 -27.24
C ILE A 136 -3.00 -9.58 -28.15
N SER A 137 -3.99 -8.74 -28.44
CA SER A 137 -5.01 -9.05 -29.43
C SER A 137 -5.71 -10.38 -29.12
N GLU A 138 -6.21 -10.48 -27.89
CA GLU A 138 -6.96 -11.63 -27.42
C GLU A 138 -6.10 -12.89 -27.41
N GLY A 139 -4.79 -12.73 -27.28
CA GLY A 139 -3.87 -13.86 -27.23
C GLY A 139 -3.33 -14.33 -28.57
N GLN A 140 -3.71 -13.68 -29.67
CA GLN A 140 -3.22 -14.09 -30.99
C GLN A 140 -1.77 -13.61 -31.22
N GLY A 141 -1.33 -12.64 -30.42
CA GLY A 141 0.02 -12.10 -30.53
C GLY A 141 0.74 -12.08 -29.19
N PHE A 142 2.05 -11.93 -29.23
CA PHE A 142 2.86 -11.79 -28.03
C PHE A 142 3.87 -10.68 -28.30
N MET A 143 3.76 -9.59 -27.54
CA MET A 143 4.61 -8.43 -27.71
CA MET A 143 4.63 -8.44 -27.73
C MET A 143 5.73 -8.44 -26.66
N THR A 144 6.99 -8.42 -27.10
CA THR A 144 8.10 -8.56 -26.16
C THR A 144 8.31 -7.32 -25.28
N ARG A 145 8.74 -7.60 -24.06
CA ARG A 145 9.01 -6.59 -23.07
C ARG A 145 10.14 -5.67 -23.51
N GLU A 146 11.17 -6.24 -24.13
CA GLU A 146 12.31 -5.43 -24.56
C GLU A 146 11.92 -4.47 -25.69
N PHE A 147 11.11 -4.95 -26.63
CA PHE A 147 10.54 -4.10 -27.68
C PHE A 147 9.78 -2.91 -27.11
N LEU A 148 8.91 -3.17 -26.14
CA LEU A 148 8.14 -2.11 -25.47
C LEU A 148 9.06 -1.13 -24.72
N LYS A 149 10.14 -1.66 -24.16
CA LYS A 149 11.13 -0.84 -23.45
C LYS A 149 11.89 0.08 -24.41
N SER A 150 12.02 -0.35 -25.67
CA SER A 150 12.80 0.33 -26.69
C SER A 150 12.07 1.49 -27.36
N LEU A 151 10.79 1.69 -27.05
CA LEU A 151 10.03 2.77 -27.65
C LEU A 151 10.61 4.13 -27.27
N ARG A 152 10.52 5.09 -28.18
CA ARG A 152 11.09 6.40 -27.92
C ARG A 152 10.44 7.09 -26.71
N LYS A 153 11.23 7.95 -26.06
CA LYS A 153 10.79 8.74 -24.92
C LYS A 153 9.56 9.54 -25.35
N PRO A 154 8.55 9.64 -24.47
CA PRO A 154 8.45 9.11 -23.12
C PRO A 154 7.85 7.69 -23.02
N PHE A 155 7.54 7.07 -24.15
CA PHE A 155 6.78 5.82 -24.16
C PHE A 155 7.56 4.55 -23.80
N GLY A 156 8.89 4.64 -23.74
CA GLY A 156 9.73 3.51 -23.35
C GLY A 156 9.42 3.01 -21.93
N ASP A 157 9.02 3.95 -21.08
CA ASP A 157 8.67 3.66 -19.68
C ASP A 157 7.18 3.44 -19.47
N PHE A 158 6.41 3.33 -20.55
CA PHE A 158 4.97 3.18 -20.42
C PHE A 158 4.58 1.83 -19.77
N MET A 159 5.11 0.73 -20.33
CA MET A 159 4.76 -0.62 -19.89
C MET A 159 5.65 -1.21 -18.82
N GLU A 160 6.90 -0.79 -18.75
CA GLU A 160 7.86 -1.46 -17.89
C GLU A 160 7.45 -1.55 -16.40
N PRO A 161 6.83 -0.50 -15.85
CA PRO A 161 6.35 -0.64 -14.46
C PRO A 161 5.23 -1.70 -14.31
N LYS A 162 4.41 -1.86 -15.33
CA LYS A 162 3.38 -2.90 -15.33
C LYS A 162 4.01 -4.29 -15.28
N PHE A 163 5.07 -4.49 -16.07
CA PHE A 163 5.81 -5.75 -16.07
C PHE A 163 6.48 -6.03 -14.72
N GLU A 164 7.09 -5.01 -14.13
CA GLU A 164 7.76 -5.18 -12.84
C GLU A 164 6.79 -5.68 -11.79
N PHE A 165 5.64 -5.01 -11.70
CA PHE A 165 4.56 -5.42 -10.84
C PHE A 165 4.14 -6.85 -11.12
N ALA A 166 3.92 -7.15 -12.41
CA ALA A 166 3.39 -8.44 -12.85
C ALA A 166 4.25 -9.62 -12.42
N VAL A 167 5.57 -9.48 -12.58
CA VAL A 167 6.50 -10.52 -12.17
C VAL A 167 6.39 -10.81 -10.67
N LYS A 168 6.26 -9.76 -9.86
CA LYS A 168 6.09 -9.96 -8.41
C LYS A 168 4.72 -10.56 -8.09
N PHE A 169 3.68 -10.05 -8.75
CA PHE A 169 2.32 -10.46 -8.49
C PHE A 169 2.03 -11.90 -8.95
N ASN A 170 2.54 -12.24 -10.12
CA ASN A 170 2.43 -13.59 -10.64
C ASN A 170 3.14 -14.64 -9.78
N ALA A 171 4.12 -14.21 -8.99
CA ALA A 171 4.77 -15.10 -8.04
C ALA A 171 3.81 -15.65 -6.97
N LEU A 172 2.70 -14.97 -6.73
CA LEU A 172 1.67 -15.45 -5.80
C LEU A 172 0.90 -16.65 -6.34
N GLU A 173 0.93 -16.84 -7.66
CA GLU A 173 0.26 -17.96 -8.31
C GLU A 173 -1.25 -18.02 -8.08
N LEU A 174 -1.90 -16.87 -8.15
CA LEU A 174 -3.33 -16.84 -8.01
C LEU A 174 -3.96 -17.43 -9.26
N ASP A 175 -5.12 -18.05 -9.10
CA ASP A 175 -5.91 -18.45 -10.26
C ASP A 175 -7.14 -17.55 -10.39
N ASP A 176 -7.94 -17.84 -11.43
CA ASP A 176 -9.10 -17.04 -11.75
C ASP A 176 -10.11 -16.93 -10.61
N SER A 177 -10.29 -18.03 -9.88
CA SER A 177 -11.25 -18.03 -8.77
C SER A 177 -10.76 -17.12 -7.62
N ASP A 178 -9.44 -17.10 -7.37
CA ASP A 178 -8.84 -16.15 -6.44
C ASP A 178 -9.02 -14.71 -6.92
N LEU A 179 -8.68 -14.49 -8.19
CA LEU A 179 -8.68 -13.15 -8.78
C LEU A 179 -10.08 -12.55 -8.81
N ALA A 180 -11.08 -13.35 -9.14
CA ALA A 180 -12.47 -12.88 -9.13
C ALA A 180 -12.82 -12.20 -7.79
N ILE A 181 -12.44 -12.82 -6.68
CA ILE A 181 -12.79 -12.23 -5.38
C ILE A 181 -11.92 -11.03 -5.05
N PHE A 182 -10.64 -11.09 -5.43
CA PHE A 182 -9.72 -9.98 -5.15
C PHE A 182 -10.14 -8.71 -5.89
N ILE A 183 -10.54 -8.86 -7.15
CA ILE A 183 -11.01 -7.75 -7.97
C ILE A 183 -12.29 -7.13 -7.37
N ALA A 184 -13.17 -7.97 -6.84
CA ALA A 184 -14.37 -7.49 -6.16
C ALA A 184 -14.00 -6.66 -4.90
N VAL A 185 -13.01 -7.14 -4.14
CA VAL A 185 -12.49 -6.42 -2.97
C VAL A 185 -11.98 -5.03 -3.36
N ILE A 186 -11.25 -4.96 -4.49
CA ILE A 186 -10.73 -3.71 -5.00
C ILE A 186 -11.86 -2.73 -5.33
N ILE A 187 -12.91 -3.23 -5.99
CA ILE A 187 -14.03 -2.38 -6.39
C ILE A 187 -14.70 -1.74 -5.17
N LEU A 188 -14.94 -2.55 -4.14
CA LEU A 188 -15.62 -2.11 -2.91
C LEU A 188 -14.67 -1.48 -1.90
N SER A 189 -13.92 -0.48 -2.35
CA SER A 189 -12.92 0.19 -1.51
C SER A 189 -13.51 1.46 -0.89
N GLY A 190 -13.71 1.42 0.42
CA GLY A 190 -14.37 2.51 1.11
C GLY A 190 -13.55 3.77 1.26
N ASP A 191 -12.29 3.75 0.80
CA ASP A 191 -11.40 4.91 0.95
C ASP A 191 -11.21 5.76 -0.32
N ARG A 192 -12.02 5.52 -1.34
CA ARG A 192 -11.97 6.36 -2.54
C ARG A 192 -12.36 7.80 -2.18
N PRO A 193 -11.64 8.79 -2.73
CA PRO A 193 -12.05 10.18 -2.54
C PRO A 193 -13.47 10.42 -3.05
N GLY A 194 -14.29 11.09 -2.24
CA GLY A 194 -15.59 11.59 -2.67
C GLY A 194 -16.79 10.71 -2.39
N LEU A 195 -16.57 9.56 -1.78
CA LEU A 195 -17.66 8.64 -1.49
C LEU A 195 -18.65 9.26 -0.52
N LEU A 196 -19.93 9.10 -0.79
CA LEU A 196 -20.99 9.68 0.04
C LEU A 196 -21.38 8.77 1.21
N ASN A 197 -21.57 7.47 0.95
CA ASN A 197 -21.90 6.51 2.02
C ASN A 197 -20.85 5.41 2.10
N VAL A 198 -19.86 5.61 2.97
CA VAL A 198 -18.75 4.69 3.09
C VAL A 198 -19.16 3.36 3.75
N LYS A 199 -20.09 3.43 4.71
CA LYS A 199 -20.46 2.26 5.51
C LYS A 199 -20.95 1.04 4.69
N PRO A 200 -21.99 1.22 3.84
CA PRO A 200 -22.47 0.07 3.05
C PRO A 200 -21.42 -0.53 2.10
N ILE A 201 -20.48 0.26 1.64
CA ILE A 201 -19.37 -0.24 0.80
C ILE A 201 -18.47 -1.17 1.63
N GLU A 202 -18.19 -0.75 2.87
CA GLU A 202 -17.35 -1.53 3.77
C GLU A 202 -18.04 -2.80 4.24
N ASP A 203 -19.36 -2.75 4.41
CA ASP A 203 -20.11 -3.94 4.78
C ASP A 203 -19.99 -5.01 3.70
N ILE A 204 -20.04 -4.61 2.44
CA ILE A 204 -19.86 -5.55 1.33
C ILE A 204 -18.41 -6.05 1.27
N GLN A 205 -17.46 -5.12 1.39
CA GLN A 205 -16.03 -5.48 1.32
C GLN A 205 -15.67 -6.46 2.42
N ASP A 206 -16.28 -6.30 3.60
CA ASP A 206 -16.05 -7.22 4.71
C ASP A 206 -16.43 -8.66 4.36
N ASN A 207 -17.59 -8.85 3.74
CA ASN A 207 -17.99 -10.17 3.23
C ASN A 207 -17.07 -10.71 2.14
N LEU A 208 -16.64 -9.83 1.23
CA LEU A 208 -15.73 -10.18 0.14
C LEU A 208 -14.35 -10.60 0.67
N LEU A 209 -13.84 -9.89 1.67
CA LEU A 209 -12.55 -10.23 2.28
C LEU A 209 -12.59 -11.61 2.98
N GLN A 210 -13.67 -11.86 3.73
CA GLN A 210 -13.94 -13.20 4.29
C GLN A 210 -13.90 -14.30 3.22
N ALA A 211 -14.64 -14.09 2.14
CA ALA A 211 -14.68 -15.05 1.04
C ALA A 211 -13.30 -15.27 0.41
N LEU A 212 -12.57 -14.17 0.23
CA LEU A 212 -11.21 -14.23 -0.32
C LEU A 212 -10.32 -15.01 0.61
N GLU A 213 -10.42 -14.72 1.91
CA GLU A 213 -9.55 -15.36 2.88
C GLU A 213 -9.76 -16.88 2.87
N LEU A 214 -11.02 -17.31 2.92
CA LEU A 214 -11.34 -18.74 2.93
C LEU A 214 -10.86 -19.40 1.65
N GLN A 215 -11.15 -18.75 0.52
CA GLN A 215 -10.75 -19.23 -0.79
C GLN A 215 -9.25 -19.50 -0.88
N LEU A 216 -8.45 -18.54 -0.41
CA LEU A 216 -6.99 -18.68 -0.43
C LEU A 216 -6.51 -19.77 0.53
N LYS A 217 -7.09 -19.81 1.72
CA LYS A 217 -6.71 -20.81 2.71
C LYS A 217 -6.96 -22.23 2.18
N LEU A 218 -8.13 -22.45 1.61
CA LEU A 218 -8.48 -23.76 1.08
C LEU A 218 -7.64 -24.16 -0.15
N ASN A 219 -7.46 -23.23 -1.08
CA ASN A 219 -6.86 -23.57 -2.38
C ASN A 219 -5.35 -23.32 -2.48
N HIS A 220 -4.77 -22.67 -1.48
CA HIS A 220 -3.32 -22.50 -1.41
C HIS A 220 -2.80 -22.95 -0.04
N PRO A 221 -2.97 -24.24 0.28
CA PRO A 221 -2.68 -24.75 1.63
C PRO A 221 -1.23 -24.57 2.08
N GLU A 222 -0.30 -24.55 1.14
CA GLU A 222 1.15 -24.41 1.45
C GLU A 222 1.57 -23.00 1.87
N SER A 223 0.85 -21.99 1.39
CA SER A 223 1.17 -20.60 1.73
C SER A 223 0.04 -20.07 2.59
N SER A 224 0.14 -20.32 3.90
CA SER A 224 -0.94 -19.99 4.83
C SER A 224 -1.19 -18.49 4.99
N GLN A 225 -0.20 -17.67 4.64
CA GLN A 225 -0.34 -16.20 4.76
C GLN A 225 -0.40 -15.47 3.41
N LEU A 226 -0.87 -16.19 2.38
CA LEU A 226 -1.03 -15.61 1.06
C LEU A 226 -2.03 -14.47 1.05
N PHE A 227 -3.07 -14.57 1.85
CA PHE A 227 -4.07 -13.52 2.00
C PHE A 227 -3.38 -12.23 2.43
N ALA A 228 -2.58 -12.30 3.48
CA ALA A 228 -1.83 -11.13 3.95
C ALA A 228 -0.91 -10.63 2.84
N LYS A 229 -0.24 -11.55 2.15
CA LYS A 229 0.68 -11.18 1.09
C LYS A 229 -0.07 -10.47 -0.03
N LEU A 230 -1.26 -10.96 -0.36
CA LEU A 230 -2.04 -10.36 -1.42
C LEU A 230 -2.51 -8.94 -1.07
N LEU A 231 -2.96 -8.73 0.17
CA LEU A 231 -3.47 -7.43 0.57
C LEU A 231 -2.35 -6.38 0.54
N GLN A 232 -1.13 -6.80 0.82
CA GLN A 232 0.01 -5.90 0.81
C GLN A 232 0.49 -5.50 -0.60
N LYS A 233 -0.01 -6.16 -1.64
CA LYS A 233 0.32 -5.77 -3.01
C LYS A 233 -0.31 -4.45 -3.44
N MET A 234 -1.25 -3.92 -2.65
CA MET A 234 -1.92 -2.66 -2.96
C MET A 234 -0.98 -1.45 -3.09
N THR A 235 0.06 -1.38 -2.26
CA THR A 235 1.06 -0.32 -2.37
C THR A 235 1.77 -0.35 -3.73
N ASP A 236 2.19 -1.55 -4.14
CA ASP A 236 2.86 -1.74 -5.42
C ASP A 236 1.95 -1.34 -6.58
N LEU A 237 0.72 -1.80 -6.50
CA LEU A 237 -0.32 -1.52 -7.49
C LEU A 237 -0.62 -0.01 -7.59
N ARG A 238 -0.87 0.62 -6.45
CA ARG A 238 -1.10 2.08 -6.42
C ARG A 238 0.11 2.87 -6.88
N GLN A 239 1.32 2.34 -6.66
CA GLN A 239 2.52 2.99 -7.13
C GLN A 239 2.59 3.02 -8.65
N ILE A 240 2.21 1.90 -9.28
CA ILE A 240 2.12 1.81 -10.74
C ILE A 240 1.15 2.85 -11.28
N VAL A 241 0.00 2.96 -10.64
CA VAL A 241 -1.03 3.90 -11.07
C VAL A 241 -0.49 5.33 -10.98
N THR A 242 0.15 5.67 -9.87
CA THR A 242 0.77 7.00 -9.71
C THR A 242 1.79 7.32 -10.80
N GLU A 243 2.67 6.37 -11.09
CA GLU A 243 3.67 6.55 -12.15
C GLU A 243 3.00 6.67 -13.52
N HIS A 244 1.94 5.91 -13.73
CA HIS A 244 1.20 6.00 -14.97
C HIS A 244 0.56 7.37 -15.15
N VAL A 245 -0.05 7.93 -14.10
CA VAL A 245 -0.68 9.24 -14.22
C VAL A 245 0.37 10.33 -14.50
N GLN A 246 1.50 10.25 -13.81
CA GLN A 246 2.63 11.15 -14.04
C GLN A 246 3.13 11.10 -15.47
N LEU A 247 3.29 9.89 -16.02
CA LEU A 247 3.74 9.74 -17.40
C LEU A 247 2.74 10.39 -18.36
N LEU A 248 1.46 10.21 -18.06
CA LEU A 248 0.40 10.76 -18.90
C LEU A 248 0.49 12.29 -18.95
N GLN A 249 0.89 12.91 -17.84
CA GLN A 249 1.08 14.36 -17.79
CA GLN A 249 1.06 14.36 -17.81
C GLN A 249 2.23 14.76 -18.72
N VAL A 250 3.31 13.99 -18.69
CA VAL A 250 4.46 14.27 -19.56
C VAL A 250 4.02 14.13 -21.01
N ILE A 251 3.29 13.05 -21.32
CA ILE A 251 2.74 12.85 -22.66
C ILE A 251 1.83 14.01 -23.06
N LYS A 252 1.02 14.51 -22.13
CA LYS A 252 0.18 15.70 -22.35
C LYS A 252 0.98 16.91 -22.83
N LYS A 253 2.14 17.14 -22.23
CA LYS A 253 2.99 18.25 -22.61
C LYS A 253 3.75 17.97 -23.90
N THR A 254 4.30 16.77 -24.03
CA THR A 254 5.21 16.47 -25.13
C THR A 254 4.49 16.27 -26.47
N GLU A 255 3.35 15.56 -26.46
CA GLU A 255 2.66 15.20 -27.71
C GLU A 255 1.59 16.22 -28.10
N THR A 256 1.74 16.81 -29.29
CA THR A 256 0.82 17.87 -29.75
C THR A 256 -0.52 17.30 -30.23
N MET A 258 -1.37 14.53 -28.73
CA MET A 258 -2.00 13.24 -28.46
C MET A 258 -3.49 13.41 -28.12
N SER A 259 -4.31 12.44 -28.53
CA SER A 259 -5.75 12.44 -28.23
C SER A 259 -6.12 11.29 -27.32
N LEU A 260 -6.89 11.55 -26.27
CA LEU A 260 -7.29 10.52 -25.33
C LEU A 260 -8.78 10.19 -25.50
N HIS A 261 -9.11 8.91 -25.62
CA HIS A 261 -10.49 8.45 -25.74
C HIS A 261 -11.39 9.09 -24.66
N PRO A 262 -12.59 9.55 -25.04
CA PRO A 262 -13.47 10.25 -24.10
C PRO A 262 -13.72 9.55 -22.76
N LEU A 263 -13.92 8.22 -22.76
CA LEU A 263 -14.11 7.48 -21.52
C LEU A 263 -12.90 7.55 -20.59
N LEU A 264 -11.70 7.53 -21.17
CA LEU A 264 -10.47 7.67 -20.39
C LEU A 264 -10.33 9.10 -19.82
N GLN A 265 -10.58 10.12 -20.65
CA GLN A 265 -10.60 11.51 -20.18
C GLN A 265 -11.53 11.68 -18.97
N GLU A 266 -12.67 11.02 -19.05
CA GLU A 266 -13.70 11.05 -18.02
C GLU A 266 -13.17 10.47 -16.71
N ILE A 267 -12.46 9.34 -16.82
CA ILE A 267 -11.83 8.72 -15.66
C ILE A 267 -10.75 9.61 -15.06
N TYR A 268 -9.91 10.21 -15.89
CA TYR A 268 -8.80 11.04 -15.42
C TYR A 268 -9.22 12.39 -14.88
N LYS A 269 -10.34 12.93 -15.35
CA LYS A 269 -10.80 14.25 -14.90
C LYS A 269 -10.94 14.28 -13.39
N ASP A 270 -10.18 15.18 -12.75
CA ASP A 270 -10.16 15.35 -11.29
C ASP A 270 -9.77 14.08 -10.52
N LEU A 271 -8.98 13.22 -11.15
CA LEU A 271 -8.54 11.96 -10.51
C LEU A 271 -7.51 12.27 -9.43
N GLU B 11 -23.16 12.84 -13.61
CA GLU B 11 -23.26 14.25 -14.11
C GLU B 11 -21.96 14.67 -14.80
N ARG B 12 -20.86 14.59 -14.07
CA ARG B 12 -19.53 14.85 -14.63
C ARG B 12 -18.96 13.60 -15.33
N HIS B 13 -19.66 12.47 -15.26
CA HIS B 13 -19.18 11.22 -15.85
C HIS B 13 -20.25 10.55 -16.72
N LYS B 14 -20.57 11.19 -17.84
CA LYS B 14 -21.70 10.79 -18.69
C LYS B 14 -21.61 9.33 -19.14
N ILE B 15 -20.44 8.93 -19.64
CA ILE B 15 -20.28 7.59 -20.22
C ILE B 15 -20.35 6.51 -19.13
N LEU B 16 -19.61 6.73 -18.05
CA LEU B 16 -19.58 5.79 -16.94
C LEU B 16 -20.98 5.62 -16.36
N HIS B 17 -21.74 6.72 -16.24
CA HIS B 17 -23.12 6.69 -15.76
C HIS B 17 -24.03 5.81 -16.63
N ARG B 18 -23.87 5.94 -17.95
CA ARG B 18 -24.60 5.12 -18.89
C ARG B 18 -24.23 3.64 -18.81
N LEU B 19 -22.93 3.35 -18.64
CA LEU B 19 -22.50 1.97 -18.48
C LEU B 19 -23.14 1.38 -17.23
N LEU B 20 -23.26 2.21 -16.20
CA LEU B 20 -23.75 1.74 -14.90
C LEU B 20 -25.26 1.49 -14.86
N GLN B 21 -26.03 2.17 -15.71
CA GLN B 21 -27.48 1.98 -15.73
C GLN B 21 -27.89 1.26 -17.02
N SER C 3 0.71 -25.11 19.01
CA SER C 3 0.28 -23.79 18.43
C SER C 3 -0.91 -23.15 19.18
N ALA C 4 -0.76 -22.69 20.44
CA ALA C 4 0.28 -23.07 21.42
C ALA C 4 1.59 -22.26 21.36
N ASP C 5 2.47 -22.62 20.43
CA ASP C 5 3.65 -21.84 20.12
C ASP C 5 3.29 -20.41 19.70
N LEU C 6 2.18 -20.26 18.96
CA LEU C 6 1.73 -18.94 18.53
C LEU C 6 1.32 -18.07 19.72
N ARG C 7 0.68 -18.66 20.73
CA ARG C 7 0.27 -17.91 21.92
C ARG C 7 1.45 -17.52 22.80
N ALA C 8 2.41 -18.43 22.96
CA ALA C 8 3.64 -18.12 23.69
C ALA C 8 4.44 -17.03 22.98
N LEU C 9 4.48 -17.06 21.65
CA LEU C 9 5.15 -16.00 20.86
C LEU C 9 4.46 -14.66 21.07
N ALA C 10 3.13 -14.65 21.03
CA ALA C 10 2.36 -13.44 21.28
C ALA C 10 2.69 -12.88 22.66
N LYS C 11 2.72 -13.75 23.67
CA LYS C 11 3.04 -13.31 25.04
C LYS C 11 4.47 -12.79 25.14
N HIS C 12 5.41 -13.52 24.55
CA HIS C 12 6.82 -13.09 24.57
C HIS C 12 6.96 -11.70 23.94
N LEU C 13 6.27 -11.48 22.82
CA LEU C 13 6.33 -10.19 22.13
C LEU C 13 5.69 -9.06 22.94
N TYR C 14 4.56 -9.33 23.58
CA TYR C 14 3.93 -8.35 24.45
C TYR C 14 4.86 -7.95 25.60
N ASP C 15 5.46 -8.95 26.23
CA ASP C 15 6.37 -8.71 27.37
C ASP C 15 7.61 -7.91 26.96
N SER C 16 8.15 -8.19 25.78
CA SER C 16 9.29 -7.39 25.28
C SER C 16 8.88 -5.95 24.97
N TYR C 17 7.71 -5.80 24.37
CA TYR C 17 7.15 -4.50 24.05
C TYR C 17 6.98 -3.65 25.31
N ILE C 18 6.50 -4.25 26.40
CA ILE C 18 6.37 -3.55 27.68
C ILE C 18 7.74 -3.12 28.24
N LYS C 19 8.75 -3.97 28.06
CA LYS C 19 10.11 -3.66 28.51
C LYS C 19 10.76 -2.56 27.67
N SER C 20 10.42 -2.48 26.40
CA SER C 20 11.09 -1.56 25.46
C SER C 20 10.43 -0.18 25.36
N PHE C 21 9.11 -0.12 25.47
CA PHE C 21 8.36 1.12 25.22
C PHE C 21 7.71 1.67 26.51
N PRO C 22 8.34 2.67 27.16
CA PRO C 22 7.81 3.17 28.43
C PRO C 22 6.40 3.74 28.33
N LEU C 23 6.07 4.42 27.22
CA LEU C 23 4.73 4.95 27.02
C LEU C 23 3.91 4.03 26.10
N THR C 24 2.91 3.38 26.68
CA THR C 24 2.05 2.45 25.98
C THR C 24 0.71 3.07 25.59
N LYS C 25 -0.04 2.39 24.74
CA LYS C 25 -1.38 2.84 24.38
C LYS C 25 -2.30 2.83 25.62
N ALA C 26 -2.19 1.79 26.44
CA ALA C 26 -3.01 1.69 27.66
C ALA C 26 -2.82 2.93 28.53
N LYS C 27 -1.57 3.34 28.76
CA LYS C 27 -1.31 4.57 29.51
C LYS C 27 -1.83 5.80 28.78
N ALA C 28 -1.54 5.87 27.50
CA ALA C 28 -1.88 7.05 26.72
C ALA C 28 -3.40 7.26 26.70
N ARG C 29 -4.14 6.16 26.53
CA ARG C 29 -5.60 6.21 26.47
C ARG C 29 -6.20 6.64 27.79
N ALA C 30 -5.63 6.16 28.90
CA ALA C 30 -6.10 6.55 30.23
C ALA C 30 -5.99 8.08 30.42
N ILE C 31 -4.90 8.67 29.94
CA ILE C 31 -4.70 10.12 30.01
C ILE C 31 -5.65 10.86 29.05
N LEU C 32 -5.71 10.41 27.80
CA LEU C 32 -6.57 11.04 26.78
C LEU C 32 -8.08 10.96 27.06
N THR C 33 -8.51 9.95 27.82
CA THR C 33 -9.92 9.78 28.19
C THR C 33 -10.23 10.40 29.55
N GLY C 34 -9.21 10.92 30.23
CA GLY C 34 -9.38 11.54 31.55
C GLY C 34 -9.70 10.55 32.65
N LYS C 35 -9.60 9.25 32.35
CA LYS C 35 -9.84 8.21 33.33
C LYS C 35 -8.50 7.88 33.97
N THR C 36 -8.03 8.76 34.85
CA THR C 36 -6.74 8.56 35.50
C THR C 36 -6.62 9.44 36.75
N THR C 37 -5.95 8.90 37.77
CA THR C 37 -5.56 9.66 38.95
C THR C 37 -4.39 10.61 38.64
N ASP C 38 -3.74 10.42 37.49
CA ASP C 38 -2.63 11.28 37.07
C ASP C 38 -3.13 12.68 36.74
N LYS C 39 -2.35 13.68 37.15
CA LYS C 39 -2.66 15.08 36.84
C LYS C 39 -2.86 15.26 35.33
N SER C 40 -3.91 16.00 34.96
CA SER C 40 -4.24 16.26 33.56
C SER C 40 -3.03 16.86 32.81
N PRO C 41 -2.85 16.50 31.54
CA PRO C 41 -1.74 17.12 30.78
C PRO C 41 -1.91 18.62 30.57
N PHE C 42 -0.82 19.38 30.73
CA PHE C 42 -0.82 20.79 30.36
C PHE C 42 -1.13 20.88 28.87
N VAL C 43 -2.08 21.75 28.52
CA VAL C 43 -2.54 21.87 27.15
C VAL C 43 -1.81 23.00 26.44
N ILE C 44 -1.28 22.70 25.25
CA ILE C 44 -0.61 23.68 24.42
C ILE C 44 -1.45 23.91 23.19
N TYR C 45 -2.01 25.13 23.11
CA TYR C 45 -2.94 25.51 22.06
C TYR C 45 -2.51 26.77 21.29
N ASP C 46 -1.47 27.45 21.79
CA ASP C 46 -0.87 28.58 21.06
C ASP C 46 0.58 28.77 21.51
N MET C 47 1.20 29.87 21.11
CA MET C 47 2.63 30.09 21.41
C MET C 47 2.85 30.38 22.89
N ASN C 48 1.99 31.21 23.48
CA ASN C 48 2.11 31.54 24.89
C ASN C 48 1.95 30.33 25.82
N SER C 49 1.02 29.43 25.50
CA SER C 49 0.86 28.21 26.28
C SER C 49 2.01 27.24 26.02
N LEU C 50 2.60 27.29 24.82
CA LEU C 50 3.78 26.49 24.51
C LEU C 50 4.96 26.90 25.40
N MET C 51 5.17 28.19 25.55
CA MET C 51 6.23 28.68 26.43
C MET C 51 5.99 28.29 27.89
N MET C 52 4.76 28.47 28.36
CA MET C 52 4.43 28.15 29.76
C MET C 52 4.58 26.66 30.10
N GLY C 53 4.45 25.79 29.10
CA GLY C 53 4.67 24.35 29.30
C GLY C 53 6.12 23.94 29.10
N GLU C 54 6.82 24.67 28.23
CA GLU C 54 8.22 24.40 27.90
C GLU C 54 9.14 24.44 29.12
N ASP C 55 8.74 25.18 30.16
CA ASP C 55 9.47 25.20 31.42
C ASP C 55 9.39 23.89 32.22
N LYS C 56 8.59 22.93 31.75
CA LYS C 56 8.54 21.60 32.37
C LYS C 56 9.78 20.78 32.01
N LYS C 70 16.18 29.93 15.99
CA LYS C 70 15.20 28.97 16.47
C LYS C 70 13.80 29.57 16.55
N GLU C 71 12.95 29.19 15.61
CA GLU C 71 11.52 29.53 15.69
C GLU C 71 10.80 28.45 16.46
N VAL C 72 9.53 28.71 16.75
CA VAL C 72 8.64 27.73 17.37
C VAL C 72 8.50 26.53 16.46
N ALA C 73 8.29 26.76 15.17
CA ALA C 73 8.19 25.69 14.18
C ALA C 73 9.41 24.78 14.25
N ILE C 74 10.59 25.38 14.35
CA ILE C 74 11.84 24.63 14.42
C ILE C 74 12.00 23.88 15.75
N ARG C 75 11.71 24.55 16.85
CA ARG C 75 11.91 23.92 18.16
C ARG C 75 10.96 22.74 18.37
N ILE C 76 9.78 22.81 17.76
CA ILE C 76 8.83 21.70 17.72
C ILE C 76 9.36 20.56 16.86
N PHE C 77 9.72 20.90 15.63
CA PHE C 77 10.43 20.01 14.70
C PHE C 77 11.60 19.28 15.41
N GLN C 78 12.39 20.04 16.17
CA GLN C 78 13.48 19.50 16.97
C GLN C 78 12.98 18.55 18.05
N GLY C 79 11.85 18.90 18.66
CA GLY C 79 11.23 18.04 19.69
C GLY C 79 10.87 16.67 19.13
N CYS C 80 10.27 16.67 17.95
CA CYS C 80 9.97 15.45 17.23
C CYS C 80 11.21 14.64 16.88
N GLN C 81 12.31 15.32 16.55
CA GLN C 81 13.57 14.60 16.27
C GLN C 81 14.08 13.83 17.50
N PHE C 82 14.10 14.51 18.65
CA PHE C 82 14.51 13.92 19.92
C PHE C 82 13.67 12.70 20.29
N ARG C 83 12.35 12.84 20.16
CA ARG C 83 11.45 11.72 20.41
C ARG C 83 11.71 10.60 19.41
N SER C 84 12.02 10.98 18.18
CA SER C 84 12.25 10.00 17.11
C SER C 84 13.53 9.21 17.34
N VAL C 85 14.57 9.86 17.81
CA VAL C 85 15.82 9.19 18.17
C VAL C 85 15.59 8.18 19.31
N GLU C 86 14.83 8.59 20.34
CA GLU C 86 14.46 7.66 21.42
C GLU C 86 13.67 6.46 20.90
N ALA C 87 12.67 6.73 20.05
CA ALA C 87 11.85 5.67 19.45
C ALA C 87 12.71 4.67 18.69
N VAL C 88 13.63 5.16 17.86
CA VAL C 88 14.51 4.27 17.12
C VAL C 88 15.34 3.39 18.05
N GLN C 89 15.84 3.97 19.15
CA GLN C 89 16.54 3.18 20.18
C GLN C 89 15.63 2.09 20.76
N GLU C 90 14.38 2.46 21.03
CA GLU C 90 13.41 1.55 21.61
C GLU C 90 13.01 0.44 20.61
N ILE C 91 12.80 0.82 19.36
CA ILE C 91 12.44 -0.14 18.29
C ILE C 91 13.57 -1.16 18.04
N THR C 92 14.81 -0.67 18.05
CA THR C 92 15.99 -1.53 17.83
C THR C 92 16.07 -2.56 18.97
N GLU C 93 15.89 -2.08 20.19
CA GLU C 93 15.91 -2.95 21.37
C GLU C 93 14.82 -4.00 21.25
N TYR C 94 13.61 -3.57 20.86
CA TYR C 94 12.48 -4.49 20.68
C TYR C 94 12.74 -5.53 19.58
N ALA C 95 13.26 -5.09 18.44
CA ALA C 95 13.54 -6.01 17.32
C ALA C 95 14.42 -7.20 17.74
N LYS C 96 15.38 -6.95 18.63
CA LYS C 96 16.29 -7.99 19.10
C LYS C 96 15.56 -9.10 19.89
N SER C 97 14.35 -8.81 20.38
CA SER C 97 13.51 -9.82 21.05
C SER C 97 12.68 -10.66 20.07
N ILE C 98 12.65 -10.28 18.79
CA ILE C 98 11.85 -11.01 17.81
C ILE C 98 12.64 -12.26 17.40
N PRO C 99 12.11 -13.45 17.73
CA PRO C 99 12.90 -14.66 17.47
C PRO C 99 13.38 -14.74 16.01
N GLY C 100 14.67 -15.00 15.83
CA GLY C 100 15.26 -15.12 14.51
C GLY C 100 15.89 -13.86 13.94
N PHE C 101 15.54 -12.70 14.49
CA PHE C 101 15.98 -11.42 13.94
C PHE C 101 17.50 -11.25 14.06
N VAL C 102 18.05 -11.55 15.23
CA VAL C 102 19.49 -11.36 15.47
C VAL C 102 20.35 -12.45 14.81
N ASN C 103 19.71 -13.48 14.25
CA ASN C 103 20.41 -14.52 13.47
C ASN C 103 20.50 -14.17 12.00
N LEU C 104 19.83 -13.09 11.59
CA LEU C 104 19.87 -12.63 10.20
C LEU C 104 21.19 -11.95 9.93
N ASP C 105 21.60 -11.96 8.68
CA ASP C 105 22.75 -11.19 8.21
C ASP C 105 22.63 -9.76 8.76
N LEU C 106 23.67 -9.26 9.41
CA LEU C 106 23.63 -7.96 10.09
C LEU C 106 23.24 -6.80 9.15
N ASN C 107 23.73 -6.84 7.91
CA ASN C 107 23.32 -5.85 6.90
C ASN C 107 21.81 -5.83 6.73
N ASP C 108 21.20 -7.01 6.70
CA ASP C 108 19.74 -7.15 6.59
C ASP C 108 19.02 -6.65 7.85
N GLN C 109 19.57 -6.92 9.02
CA GLN C 109 19.00 -6.36 10.25
C GLN C 109 18.99 -4.83 10.15
N VAL C 110 20.10 -4.25 9.70
CA VAL C 110 20.20 -2.78 9.57
C VAL C 110 19.17 -2.25 8.57
N THR C 111 19.06 -2.91 7.42
CA THR C 111 18.11 -2.53 6.37
C THR C 111 16.66 -2.58 6.86
N LEU C 112 16.31 -3.66 7.57
CA LEU C 112 14.97 -3.82 8.11
C LEU C 112 14.62 -2.67 9.04
N LEU C 113 15.57 -2.29 9.88
CA LEU C 113 15.36 -1.15 10.79
C LEU C 113 15.29 0.18 10.02
N LYS C 114 16.22 0.37 9.08
CA LYS C 114 16.27 1.59 8.28
C LYS C 114 14.90 1.90 7.64
N TYR C 115 14.31 0.88 7.01
CA TYR C 115 13.04 1.03 6.29
C TYR C 115 11.82 0.77 7.14
N GLY C 116 12.01 0.20 8.32
CA GLY C 116 10.89 -0.15 9.19
C GLY C 116 10.49 0.93 10.19
N VAL C 117 11.48 1.67 10.70
CA VAL C 117 11.28 2.63 11.80
CA VAL C 117 11.25 2.61 11.81
C VAL C 117 10.16 3.65 11.57
N HIS C 118 10.08 4.22 10.36
CA HIS C 118 9.03 5.21 10.07
C HIS C 118 7.64 4.61 10.21
N GLU C 119 7.44 3.43 9.63
CA GLU C 119 6.16 2.72 9.71
C GLU C 119 5.76 2.42 11.15
N ILE C 120 6.73 1.96 11.94
CA ILE C 120 6.48 1.67 13.34
C ILE C 120 6.22 2.96 14.14
N ILE C 121 7.01 4.00 13.88
CA ILE C 121 6.88 5.23 14.65
C ILE C 121 5.49 5.86 14.45
N TYR C 122 4.97 5.81 13.22
CA TYR C 122 3.68 6.43 12.94
C TYR C 122 2.50 5.54 13.39
N THR C 123 2.69 4.23 13.37
CA THR C 123 1.76 3.27 14.00
C THR C 123 1.62 3.58 15.50
N MET C 124 2.75 3.68 16.18
CA MET C 124 2.76 3.87 17.63
C MET C 124 2.40 5.29 18.06
N LEU C 125 2.65 6.24 17.16
CA LEU C 125 2.23 7.64 17.36
C LEU C 125 0.71 7.75 17.45
N ALA C 126 -0.01 6.92 16.69
CA ALA C 126 -1.47 6.89 16.76
C ALA C 126 -1.97 6.64 18.19
N SER C 127 -1.23 5.86 18.95
CA SER C 127 -1.56 5.59 20.35
C SER C 127 -1.60 6.83 21.22
N LEU C 128 -0.82 7.86 20.84
CA LEU C 128 -0.76 9.11 21.60
C LEU C 128 -1.73 10.18 21.09
N MET C 129 -2.49 9.85 20.04
CA MET C 129 -3.36 10.80 19.36
C MET C 129 -4.85 10.51 19.55
N ASN C 130 -5.62 11.60 19.61
CA ASN C 130 -7.05 11.55 19.24
C ASN C 130 -7.21 12.51 18.06
N LYS C 131 -8.43 12.73 17.60
CA LYS C 131 -8.65 13.60 16.44
C LYS C 131 -8.30 15.08 16.68
N ASP C 132 -8.11 15.47 17.93
CA ASP C 132 -7.90 16.88 18.28
C ASP C 132 -6.50 17.23 18.78
N GLY C 133 -5.62 16.23 18.97
CA GLY C 133 -4.29 16.53 19.45
C GLY C 133 -3.47 15.32 19.84
N VAL C 134 -2.28 15.57 20.35
CA VAL C 134 -1.28 14.54 20.59
C VAL C 134 -0.62 14.72 21.96
N LEU C 135 -0.44 13.62 22.68
CA LEU C 135 0.33 13.64 23.93
C LEU C 135 1.78 13.95 23.65
N ILE C 136 2.36 14.84 24.45
CA ILE C 136 3.77 15.14 24.37
C ILE C 136 4.44 15.01 25.73
N SER C 137 5.77 15.02 25.72
CA SER C 137 6.56 15.01 26.95
CA SER C 137 6.58 15.00 26.93
C SER C 137 6.17 13.85 27.86
N GLU C 138 6.14 12.65 27.28
CA GLU C 138 5.85 11.42 28.01
C GLU C 138 4.48 11.48 28.68
N GLY C 139 3.50 12.00 27.95
CA GLY C 139 2.15 12.13 28.46
C GLY C 139 1.88 13.29 29.41
N GLN C 140 2.90 14.09 29.71
CA GLN C 140 2.73 15.23 30.62
C GLN C 140 2.02 16.40 29.96
N GLY C 141 1.98 16.42 28.62
CA GLY C 141 1.40 17.53 27.87
C GLY C 141 0.50 17.06 26.76
N PHE C 142 -0.37 17.96 26.29
CA PHE C 142 -1.27 17.68 25.17
C PHE C 142 -1.26 18.87 24.22
N MET C 143 -0.76 18.65 23.01
CA MET C 143 -0.61 19.74 22.04
C MET C 143 -1.70 19.61 20.99
N THR C 144 -2.46 20.68 20.76
CA THR C 144 -3.61 20.60 19.86
C THR C 144 -3.22 20.45 18.39
N ARG C 145 -4.04 19.71 17.67
CA ARG C 145 -3.86 19.47 16.25
C ARG C 145 -3.94 20.79 15.49
N GLU C 146 -4.87 21.65 15.89
CA GLU C 146 -5.04 22.93 15.24
C GLU C 146 -3.80 23.82 15.40
N PHE C 147 -3.19 23.83 16.59
CA PHE C 147 -1.96 24.58 16.82
C PHE C 147 -0.83 24.08 15.91
N LEU C 148 -0.74 22.76 15.74
CA LEU C 148 0.29 22.17 14.87
C LEU C 148 0.05 22.50 13.39
N LYS C 149 -1.21 22.64 13.01
CA LYS C 149 -1.54 22.96 11.62
C LYS C 149 -1.35 24.46 11.37
N SER C 150 -1.27 25.25 12.44
CA SER C 150 -1.17 26.70 12.33
C SER C 150 0.28 27.18 12.13
N LEU C 151 1.24 26.30 12.39
CA LEU C 151 2.65 26.65 12.26
C LEU C 151 2.92 27.11 10.83
N ARG C 152 3.96 27.94 10.67
CA ARG C 152 4.25 28.54 9.37
C ARG C 152 4.62 27.47 8.35
N LYS C 153 4.22 27.69 7.10
CA LYS C 153 4.59 26.79 6.01
C LYS C 153 6.12 26.70 5.99
N PRO C 154 6.68 25.51 5.70
CA PRO C 154 6.02 24.25 5.36
C PRO C 154 5.66 23.38 6.58
N PHE C 155 5.96 23.86 7.78
CA PHE C 155 5.83 23.06 8.99
C PHE C 155 4.38 22.75 9.37
N GLY C 156 3.43 23.52 8.84
CA GLY C 156 2.01 23.30 9.11
C GLY C 156 1.47 21.97 8.60
N ASP C 157 2.07 21.46 7.52
CA ASP C 157 1.69 20.15 6.94
C ASP C 157 2.49 18.97 7.48
N PHE C 158 3.30 19.22 8.49
CA PHE C 158 4.19 18.20 9.02
C PHE C 158 3.40 17.11 9.75
N MET C 159 2.57 17.51 10.71
CA MET C 159 1.89 16.54 11.57
C MET C 159 0.57 16.06 10.99
N GLU C 160 -0.08 16.89 10.18
CA GLU C 160 -1.46 16.63 9.76
C GLU C 160 -1.69 15.23 9.15
N PRO C 161 -0.80 14.79 8.23
CA PRO C 161 -1.01 13.45 7.68
C PRO C 161 -0.95 12.36 8.74
N LYS C 162 -0.15 12.55 9.78
CA LYS C 162 -0.04 11.59 10.87
C LYS C 162 -1.36 11.51 11.65
N PHE C 163 -1.97 12.66 11.92
CA PHE C 163 -3.29 12.70 12.54
C PHE C 163 -4.35 12.00 11.66
N GLU C 164 -4.30 12.24 10.35
CA GLU C 164 -5.28 11.65 9.45
C GLU C 164 -5.18 10.12 9.48
N PHE C 165 -3.94 9.63 9.45
CA PHE C 165 -3.71 8.19 9.57
C PHE C 165 -4.18 7.67 10.95
N ALA C 166 -3.78 8.34 12.03
CA ALA C 166 -4.15 7.94 13.40
C ALA C 166 -5.67 7.82 13.59
N VAL C 167 -6.45 8.71 13.01
CA VAL C 167 -7.91 8.65 13.15
C VAL C 167 -8.46 7.35 12.54
N LYS C 168 -7.98 7.02 11.35
CA LYS C 168 -8.37 5.77 10.68
C LYS C 168 -7.84 4.52 11.43
N PHE C 169 -6.57 4.56 11.81
CA PHE C 169 -5.94 3.41 12.47
C PHE C 169 -6.56 3.13 13.85
N ASN C 170 -6.80 4.20 14.62
CA ASN C 170 -7.37 4.08 15.97
C ASN C 170 -8.80 3.54 15.99
N ALA C 171 -9.53 3.67 14.87
CA ALA C 171 -10.87 3.09 14.75
C ALA C 171 -10.82 1.57 14.75
N LEU C 172 -9.64 0.98 14.56
CA LEU C 172 -9.46 -0.46 14.72
C LEU C 172 -9.47 -0.91 16.21
N GLU C 173 -9.22 0.02 17.12
CA GLU C 173 -9.26 -0.24 18.57
C GLU C 173 -8.33 -1.38 18.95
N LEU C 174 -7.13 -1.37 18.39
CA LEU C 174 -6.10 -2.31 18.79
C LEU C 174 -5.58 -1.95 20.18
N ASP C 175 -5.11 -2.96 20.92
CA ASP C 175 -4.43 -2.74 22.19
C ASP C 175 -2.96 -3.11 22.07
N ASP C 176 -2.23 -2.91 23.16
CA ASP C 176 -0.79 -3.11 23.18
C ASP C 176 -0.38 -4.53 22.80
N SER C 177 -1.14 -5.52 23.28
CA SER C 177 -0.84 -6.91 22.96
C SER C 177 -1.01 -7.20 21.47
N ASP C 178 -1.97 -6.52 20.81
CA ASP C 178 -2.10 -6.58 19.36
C ASP C 178 -0.91 -5.89 18.66
N LEU C 179 -0.65 -4.65 19.08
CA LEU C 179 0.37 -3.82 18.46
C LEU C 179 1.75 -4.44 18.54
N ALA C 180 2.03 -5.13 19.65
CA ALA C 180 3.32 -5.79 19.83
C ALA C 180 3.57 -6.71 18.64
N ILE C 181 2.57 -7.49 18.25
CA ILE C 181 2.75 -8.45 17.16
C ILE C 181 2.80 -7.72 15.83
N PHE C 182 1.92 -6.74 15.66
CA PHE C 182 1.83 -5.97 14.42
C PHE C 182 3.15 -5.28 14.06
N ILE C 183 3.79 -4.63 15.03
CA ILE C 183 5.02 -3.93 14.75
C ILE C 183 6.15 -4.92 14.45
N ALA C 184 6.09 -6.11 15.03
CA ALA C 184 7.04 -7.17 14.67
C ALA C 184 6.87 -7.53 13.18
N VAL C 185 5.62 -7.70 12.73
CA VAL C 185 5.30 -7.96 11.32
C VAL C 185 5.90 -6.91 10.39
N ILE C 186 5.74 -5.63 10.75
CA ILE C 186 6.29 -4.52 9.96
C ILE C 186 7.80 -4.62 9.82
N ILE C 187 8.49 -4.97 10.88
CA ILE C 187 9.97 -5.00 10.87
C ILE C 187 10.44 -6.05 9.88
N LEU C 188 9.79 -7.22 9.90
CA LEU C 188 10.19 -8.37 9.09
C LEU C 188 9.53 -8.37 7.70
N SER C 189 9.62 -7.25 6.99
CA SER C 189 9.08 -7.14 5.63
C SER C 189 10.17 -7.50 4.64
N GLY C 190 9.87 -8.48 3.78
CA GLY C 190 10.84 -9.01 2.84
C GLY C 190 11.04 -8.16 1.60
N ASP C 191 10.20 -7.15 1.41
CA ASP C 191 10.29 -6.30 0.23
C ASP C 191 11.11 -5.02 0.43
N ARG C 192 11.85 -4.91 1.53
CA ARG C 192 12.70 -3.75 1.73
C ARG C 192 13.80 -3.75 0.68
N PRO C 193 14.14 -2.58 0.13
CA PRO C 193 15.20 -2.54 -0.87
C PRO C 193 16.55 -2.93 -0.27
N GLY C 194 17.37 -3.60 -1.07
CA GLY C 194 18.74 -3.95 -0.67
C GLY C 194 18.90 -5.15 0.25
N LEU C 195 17.80 -5.83 0.56
CA LEU C 195 17.87 -7.05 1.36
C LEU C 195 18.64 -8.10 0.59
N LEU C 196 19.49 -8.83 1.32
CA LEU C 196 20.31 -9.88 0.73
C LEU C 196 19.60 -11.24 0.79
N ASN C 197 18.97 -11.53 1.93
CA ASN C 197 18.35 -12.85 2.14
C ASN C 197 16.89 -12.74 2.55
N VAL C 198 16.02 -12.69 1.54
CA VAL C 198 14.59 -12.46 1.74
C VAL C 198 13.89 -13.64 2.41
N LYS C 199 14.24 -14.87 2.01
CA LYS C 199 13.49 -16.05 2.45
C LYS C 199 13.43 -16.24 3.98
N PRO C 200 14.56 -16.13 4.69
CA PRO C 200 14.50 -16.26 6.15
C PRO C 200 13.71 -15.13 6.83
N ILE C 201 13.64 -13.96 6.21
CA ILE C 201 12.84 -12.86 6.74
C ILE C 201 11.35 -13.20 6.57
N GLU C 202 10.99 -13.67 5.38
CA GLU C 202 9.62 -14.07 5.10
C GLU C 202 9.17 -15.26 5.96
N ASP C 203 10.06 -16.22 6.21
CA ASP C 203 9.77 -17.31 7.14
C ASP C 203 9.34 -16.78 8.52
N ILE C 204 10.14 -15.88 9.07
CA ILE C 204 9.83 -15.28 10.37
C ILE C 204 8.52 -14.50 10.29
N GLN C 205 8.38 -13.66 9.28
CA GLN C 205 7.15 -12.88 9.13
C GLN C 205 5.90 -13.77 9.02
N ASP C 206 6.01 -14.88 8.30
CA ASP C 206 4.88 -15.82 8.18
C ASP C 206 4.40 -16.25 9.54
N ASN C 207 5.35 -16.63 10.40
CA ASN C 207 5.02 -17.03 11.75
C ASN C 207 4.40 -15.89 12.57
N LEU C 208 4.96 -14.70 12.41
CA LEU C 208 4.46 -13.51 13.10
C LEU C 208 3.04 -13.18 12.63
N LEU C 209 2.77 -13.38 11.35
CA LEU C 209 1.44 -13.11 10.78
C LEU C 209 0.39 -14.12 11.30
N GLN C 210 0.79 -15.39 11.41
CA GLN C 210 -0.07 -16.42 12.03
C GLN C 210 -0.37 -16.07 13.49
N ALA C 211 0.64 -15.62 14.23
CA ALA C 211 0.47 -15.21 15.61
C ALA C 211 -0.52 -14.03 15.73
N LEU C 212 -0.39 -13.09 14.81
CA LEU C 212 -1.24 -11.89 14.77
C LEU C 212 -2.66 -12.29 14.44
N GLU C 213 -2.85 -13.14 13.43
CA GLU C 213 -4.18 -13.61 13.05
C GLU C 213 -4.90 -14.23 14.26
N LEU C 214 -4.25 -15.17 14.95
CA LEU C 214 -4.84 -15.80 16.16
C LEU C 214 -5.11 -14.78 17.28
N GLN C 215 -4.13 -13.93 17.55
CA GLN C 215 -4.26 -12.90 18.57
C GLN C 215 -5.50 -12.04 18.36
N LEU C 216 -5.70 -11.55 17.13
CA LEU C 216 -6.88 -10.73 16.81
C LEU C 216 -8.18 -11.52 16.90
N LYS C 217 -8.14 -12.81 16.57
CA LYS C 217 -9.33 -13.65 16.69
C LYS C 217 -9.72 -13.87 18.15
N LEU C 218 -8.74 -14.18 18.99
CA LEU C 218 -8.97 -14.37 20.43
C LEU C 218 -9.24 -13.06 21.16
N ASN C 219 -8.55 -11.98 20.77
CA ASN C 219 -8.67 -10.71 21.50
C ASN C 219 -9.88 -9.88 21.04
N HIS C 220 -10.28 -10.04 19.77
CA HIS C 220 -11.37 -9.25 19.19
C HIS C 220 -12.36 -10.19 18.47
N PRO C 221 -13.01 -11.10 19.23
CA PRO C 221 -13.87 -12.14 18.66
C PRO C 221 -15.05 -11.60 17.86
N GLU C 222 -15.54 -10.42 18.21
CA GLU C 222 -16.69 -9.83 17.54
C GLU C 222 -16.32 -8.87 16.39
N SER C 223 -15.04 -8.83 16.03
CA SER C 223 -14.51 -7.81 15.11
C SER C 223 -14.19 -8.44 13.74
N SER C 224 -15.11 -8.28 12.79
CA SER C 224 -15.06 -8.98 11.52
C SER C 224 -13.96 -8.51 10.57
N GLN C 225 -13.08 -9.43 10.21
CA GLN C 225 -12.00 -9.15 9.28
C GLN C 225 -11.08 -8.06 9.82
N LEU C 226 -10.90 -8.03 11.15
CA LEU C 226 -10.00 -7.06 11.75
C LEU C 226 -8.60 -7.28 11.18
N PHE C 227 -8.20 -8.55 11.04
CA PHE C 227 -6.90 -8.92 10.47
C PHE C 227 -6.73 -8.24 9.10
N ALA C 228 -7.68 -8.48 8.21
CA ALA C 228 -7.68 -7.87 6.88
C ALA C 228 -7.61 -6.34 6.94
N LYS C 229 -8.42 -5.75 7.81
CA LYS C 229 -8.49 -4.30 7.93
C LYS C 229 -7.19 -3.70 8.44
N LEU C 230 -6.52 -4.41 9.35
CA LEU C 230 -5.21 -4.01 9.82
C LEU C 230 -4.17 -4.08 8.70
N LEU C 231 -4.15 -5.18 7.96
CA LEU C 231 -3.20 -5.34 6.86
C LEU C 231 -3.44 -4.26 5.79
N GLN C 232 -4.68 -3.84 5.62
CA GLN C 232 -5.00 -2.79 4.65
C GLN C 232 -4.36 -1.46 5.01
N LYS C 233 -4.21 -1.17 6.31
CA LYS C 233 -3.64 0.11 6.75
C LYS C 233 -2.15 0.25 6.44
N MET C 234 -1.50 -0.85 6.04
CA MET C 234 -0.09 -0.79 5.69
CA MET C 234 -0.10 -0.83 5.64
C MET C 234 0.14 0.04 4.41
N THR C 235 -0.87 0.12 3.54
CA THR C 235 -0.76 0.99 2.36
C THR C 235 -0.94 2.47 2.77
N ASP C 236 -1.85 2.74 3.71
CA ASP C 236 -2.02 4.10 4.24
C ASP C 236 -0.73 4.54 4.94
N LEU C 237 -0.11 3.60 5.65
CA LEU C 237 1.11 3.85 6.44
C LEU C 237 2.30 4.19 5.54
N ARG C 238 2.50 3.37 4.51
CA ARG C 238 3.54 3.61 3.53
C ARG C 238 3.37 4.93 2.81
N GLN C 239 2.13 5.25 2.46
CA GLN C 239 1.82 6.50 1.79
C GLN C 239 2.20 7.69 2.67
N ILE C 240 1.90 7.64 3.97
CA ILE C 240 2.26 8.70 4.91
CA ILE C 240 2.25 8.77 4.82
C ILE C 240 3.78 8.88 4.99
N VAL C 241 4.51 7.76 4.97
CA VAL C 241 5.97 7.79 5.01
C VAL C 241 6.52 8.49 3.76
N THR C 242 5.98 8.11 2.61
CA THR C 242 6.35 8.73 1.33
C THR C 242 6.07 10.23 1.34
N GLU C 243 4.90 10.61 1.82
CA GLU C 243 4.53 12.02 1.92
C GLU C 243 5.47 12.78 2.86
N HIS C 244 5.84 12.13 3.96
CA HIS C 244 6.77 12.69 4.93
C HIS C 244 8.15 12.98 4.31
N VAL C 245 8.65 12.03 3.53
CA VAL C 245 9.96 12.18 2.88
C VAL C 245 9.95 13.33 1.87
N GLN C 246 8.88 13.45 1.09
CA GLN C 246 8.73 14.56 0.13
C GLN C 246 8.66 15.91 0.84
N LEU C 247 8.05 15.96 2.02
CA LEU C 247 8.01 17.19 2.81
C LEU C 247 9.41 17.57 3.31
N LEU C 248 10.14 16.59 3.85
CA LEU C 248 11.52 16.82 4.29
C LEU C 248 12.39 17.37 3.16
N GLN C 249 12.20 16.79 1.97
CA GLN C 249 12.84 17.30 0.76
C GLN C 249 12.52 18.78 0.58
N VAL C 250 11.25 19.15 0.73
CA VAL C 250 10.84 20.56 0.63
C VAL C 250 11.54 21.41 1.69
N ILE C 251 11.59 20.91 2.93
CA ILE C 251 12.28 21.59 4.03
C ILE C 251 13.77 21.83 3.75
N LYS C 252 14.34 21.15 2.75
CA LYS C 252 15.65 21.56 2.19
C LYS C 252 15.55 22.91 1.46
N LYS C 253 14.91 23.88 2.12
CA LYS C 253 14.99 25.29 1.78
C LYS C 253 15.11 26.05 3.11
N THR C 254 13.98 26.41 3.71
CA THR C 254 13.92 26.90 5.10
C THR C 254 14.82 26.06 6.04
N GLU C 255 15.49 26.68 7.02
CA GLU C 255 15.47 28.13 7.25
C GLU C 255 16.69 28.97 6.80
N THR C 256 17.92 28.46 6.76
CA THR C 256 18.32 27.05 6.80
C THR C 256 18.74 26.57 8.21
N ASP C 257 17.90 26.87 9.20
CA ASP C 257 18.16 26.54 10.61
C ASP C 257 17.95 25.06 10.93
N MET C 258 17.05 24.40 10.21
CA MET C 258 16.80 22.98 10.43
C MET C 258 18.06 22.17 10.13
N SER C 259 18.52 21.44 11.15
CA SER C 259 19.60 20.46 11.02
C SER C 259 19.04 19.15 11.54
N LEU C 260 19.48 18.03 10.95
CA LEU C 260 18.87 16.73 11.24
C LEU C 260 19.83 15.93 12.12
N HIS C 261 19.32 15.36 13.21
CA HIS C 261 20.13 14.51 14.09
C HIS C 261 20.85 13.42 13.26
N PRO C 262 22.10 13.08 13.63
CA PRO C 262 22.88 12.11 12.84
C PRO C 262 22.23 10.75 12.62
N LEU C 263 21.52 10.24 13.61
CA LEU C 263 20.81 8.96 13.45
C LEU C 263 19.74 9.05 12.36
N LEU C 264 19.03 10.19 12.32
CA LEU C 264 17.99 10.41 11.32
C LEU C 264 18.60 10.62 9.92
N GLN C 265 19.69 11.38 9.84
CA GLN C 265 20.44 11.51 8.58
C GLN C 265 20.82 10.14 8.03
N GLU C 266 21.30 9.29 8.93
CA GLU C 266 21.64 7.89 8.62
C GLU C 266 20.48 7.17 7.95
N ILE C 267 19.31 7.31 8.55
CA ILE C 267 18.13 6.62 8.06
C ILE C 267 17.70 7.12 6.68
N TYR C 268 17.70 8.43 6.48
CA TYR C 268 17.25 9.03 5.22
C TYR C 268 18.20 8.87 4.04
N LYS C 269 19.49 8.68 4.32
CA LYS C 269 20.48 8.48 3.26
C LYS C 269 20.13 7.26 2.40
N ASP C 270 19.93 7.49 1.10
CA ASP C 270 19.60 6.42 0.14
C ASP C 270 18.30 5.69 0.49
N LEU C 271 17.20 6.44 0.55
CA LEU C 271 15.89 5.86 0.82
C LEU C 271 15.39 5.09 -0.39
N SER D 8 34.42 6.41 -1.19
CA SER D 8 33.00 6.00 -0.97
C SER D 8 32.80 5.19 0.31
N LEU D 9 33.76 4.34 0.67
CA LEU D 9 33.78 3.73 2.02
C LEU D 9 33.94 4.97 2.89
N THR D 10 33.04 5.27 3.85
CA THR D 10 32.87 4.62 5.16
C THR D 10 31.99 3.41 5.51
N GLU D 11 31.99 3.14 6.81
CA GLU D 11 30.92 2.46 7.53
C GLU D 11 29.56 3.17 7.35
N ARG D 12 28.63 2.53 6.67
CA ARG D 12 27.27 3.05 6.54
C ARG D 12 26.46 2.60 7.75
N HIS D 13 25.55 3.45 8.20
CA HIS D 13 24.65 3.13 9.32
C HIS D 13 25.39 2.88 10.63
N LYS D 14 26.36 3.74 10.92
CA LYS D 14 27.20 3.63 12.10
C LYS D 14 26.42 3.54 13.40
N ILE D 15 25.41 4.41 13.55
CA ILE D 15 24.66 4.47 14.81
C ILE D 15 23.71 3.28 14.95
N LEU D 16 23.08 2.84 13.86
CA LEU D 16 22.23 1.64 13.90
C LEU D 16 23.09 0.40 14.25
N HIS D 17 24.23 0.25 13.58
CA HIS D 17 25.17 -0.82 13.92
C HIS D 17 25.47 -0.82 15.43
N ARG D 18 25.70 0.36 15.97
CA ARG D 18 26.07 0.53 17.37
C ARG D 18 24.92 0.17 18.31
N LEU D 19 23.69 0.57 17.95
CA LEU D 19 22.52 0.25 18.75
C LEU D 19 22.27 -1.26 18.80
N LEU D 20 22.42 -1.91 17.65
CA LEU D 20 22.28 -3.37 17.55
C LEU D 20 23.35 -4.11 18.32
N GLN D 21 24.59 -3.65 18.19
CA GLN D 21 25.75 -4.37 18.70
C GLN D 21 26.11 -4.01 20.13
N GLU D 22 25.65 -2.85 20.62
CA GLU D 22 25.97 -2.41 21.98
C GLU D 22 24.77 -2.03 22.82
N GLY D 23 23.58 -1.98 22.24
CA GLY D 23 22.39 -1.50 22.96
C GLY D 23 22.39 0.02 23.01
N SER D 24 21.38 0.57 23.68
CA SER D 24 21.18 2.02 23.72
C SER D 24 22.26 2.73 24.53
N PRO D 25 22.41 4.06 24.34
CA PRO D 25 23.42 4.77 25.13
C PRO D 25 22.99 5.01 26.58
#